data_7MZ1
#
_entry.id   7MZ1
#
_cell.length_a   50.319
_cell.length_b   79.839
_cell.length_c   55.324
_cell.angle_alpha   90.000
_cell.angle_beta   107.290
_cell.angle_gamma   90.000
#
_symmetry.space_group_name_H-M   'P 1 21 1'
#
loop_
_entity.id
_entity.type
_entity.pdbx_description
1 polymer "DNA (5'-D(*CP*CP*GP*AP*CP*(4DU)P*TP*CP*GP*CP*AP*TP*CP*AP*GP*C)-3')"
2 polymer "DNA (5'-D(*GP*CP*TP*GP*AP*TP*GP*CP*GP*A)-3')"
3 polymer "DNA (5'-D(P*GP*TP*CP*GP*G)-3')"
4 polymer 'DNA polymerase beta'
5 non-polymer 'MAGNESIUM ION'
6 non-polymer 'SODIUM ION'
7 non-polymer "5'-O-[(R)-hydroxy{[(R)-hydroxy(phosphonooxy)phosphoryl]amino}phosphoryl]thymidine"
8 water water
#
loop_
_entity_poly.entity_id
_entity_poly.type
_entity_poly.pdbx_seq_one_letter_code
_entity_poly.pdbx_strand_id
1 'polydeoxyribonucleotide' (DC)(DC)(DG)(DA)(DC)(4DU)(DT)(DC)(DG)(DC)(DA)(DT)(DC)(DA)(DG)(DC) T
2 'polydeoxyribonucleotide' (DG)(DC)(DT)(DG)(DA)(DT)(DG)(DC)(DG)(DA) P
3 'polydeoxyribonucleotide' (DG)(DT)(DC)(DG)(DG) D
4 'polypeptide(L)'
;TLNGGITDMLTELANFEKNVSQAIHKYNAYRKAASVIAKYPHKIKSGAEAKKLPGVGTKIAEKIDEFLATGKLRKLEKIR
QDDTSSSINFLTRVSGIGPSAARKFVDEGIKTLEDLRKNEDKLNHHQRIGLKYFGDFEKRIPREEMLQMQDIVLNEVKKV
DSEYIATVCGSFRRGAESSGDMDVLLTHPSFTSESTKQPKLLHQVVEQLQKVHFITDTLSKGETKFMGVCQLPSKNDEKE
YPHRRIDIRLIPKDQYYCGVLYFTGSDIFNKNMRAHALEKGFTINEYTIRPLGVTGVAGEPLPVDSEKDIFDYIQWKYRE
PKDRSE
;
A
#
loop_
_chem_comp.id
_chem_comp.type
_chem_comp.name
_chem_comp.formula
1FZ non-polymer 5'-O-[(R)-hydroxy{[(R)-hydroxy(phosphonooxy)phosphoryl]amino}phosphoryl]thymidine 'C10 H18 N3 O13 P3'
4DU DNA linking 1-(2-deoxy-5-O-phosphono-beta-D-erythro-pentofuranosyl)-1H-imidazo[4,5-c]pyridin-4-amine 'C11 H15 N4 O6 P'
DA DNA linking 2'-DEOXYADENOSINE-5'-MONOPHOSPHATE 'C10 H14 N5 O6 P'
DC DNA linking 2'-DEOXYCYTIDINE-5'-MONOPHOSPHATE 'C9 H14 N3 O7 P'
DG DNA linking 2'-DEOXYGUANOSINE-5'-MONOPHOSPHATE 'C10 H14 N5 O7 P'
DT DNA linking THYMIDINE-5'-MONOPHOSPHATE 'C10 H15 N2 O8 P'
MG non-polymer 'MAGNESIUM ION' 'Mg 2'
NA non-polymer 'SODIUM ION' 'Na 1'
#
# COMPACT_ATOMS: atom_id res chain seq x y z
OP2 4DU A 6 -13.18 -0.10 5.99
P 4DU A 6 -13.10 0.28 7.30
O5' 4DU A 6 -12.40 -0.80 8.04
C5' 4DU A 6 -12.86 -2.12 8.12
C4' 4DU A 6 -11.79 -3.15 8.53
C3' 4DU A 6 -11.49 -3.03 9.98
O3' 4DU A 6 -11.34 -4.33 10.43
C2' 4DU A 6 -10.19 -2.36 10.00
C1' 4DU A 6 -9.56 -2.70 8.71
O4' 4DU A 6 -10.58 -3.08 7.86
N9 4DU A 6 -8.89 -1.58 8.05
C4 4DU A 6 -7.82 -1.73 7.31
C3 4DU A 6 -7.13 -2.80 7.05
C2 4DU A 6 -6.02 -2.69 6.25
N1 4DU A 6 -5.66 -1.49 5.75
C6 4DU A 6 -6.39 -0.48 6.07
N6 4DU A 6 -6.11 0.68 5.62
C5 4DU A 6 -7.45 -0.59 6.85
N7 4DU A 6 -8.30 0.28 7.28
C8 4DU A 6 -9.19 -0.32 8.01
O1 4DU A 6 -12.38 1.43 7.61
N THR D 1 -9.72 0.35 -18.78
CA THR D 1 -10.36 1.35 -17.92
C THR D 1 -11.38 2.17 -18.69
N LEU D 2 -12.62 1.70 -18.66
CA LEU D 2 -13.72 2.32 -19.38
C LEU D 2 -14.14 3.66 -18.77
N ASN D 3 -13.93 3.79 -17.46
CA ASN D 3 -14.33 5.00 -16.75
C ASN D 3 -13.15 5.68 -16.08
N GLY D 4 -12.04 5.78 -16.81
CA GLY D 4 -10.81 6.35 -16.29
C GLY D 4 -10.94 7.78 -15.81
N GLY D 5 -11.69 8.60 -16.56
CA GLY D 5 -11.90 9.99 -16.20
C GLY D 5 -12.60 10.12 -14.87
N ILE D 6 -13.65 9.33 -14.69
CA ILE D 6 -14.44 9.35 -13.45
C ILE D 6 -13.58 8.91 -12.25
N THR D 7 -12.84 7.82 -12.42
CA THR D 7 -12.05 7.28 -11.32
C THR D 7 -10.86 8.17 -10.98
N ASP D 8 -10.31 8.85 -11.98
CA ASP D 8 -9.24 9.82 -11.74
C ASP D 8 -9.77 10.96 -10.89
N MET D 9 -10.93 11.47 -11.25
CA MET D 9 -11.59 12.54 -10.52
C MET D 9 -11.82 12.16 -9.05
N LEU D 10 -12.31 10.94 -8.84
CA LEU D 10 -12.60 10.46 -7.50
C LEU D 10 -11.34 10.26 -6.68
N THR D 11 -10.28 9.77 -7.34
CA THR D 11 -9.00 9.56 -6.68
C THR D 11 -8.40 10.89 -6.23
N GLU D 12 -8.49 11.89 -7.09
CA GLU D 12 -7.96 13.22 -6.80
C GLU D 12 -8.73 13.86 -5.64
N LEU D 13 -10.02 13.60 -5.57
CA LEU D 13 -10.85 14.08 -4.48
C LEU D 13 -10.51 13.32 -3.19
N ALA D 14 -10.22 12.04 -3.33
CA ALA D 14 -9.81 11.21 -2.19
C ALA D 14 -8.52 11.76 -1.59
N ASN D 15 -7.57 12.09 -2.45
CA ASN D 15 -6.29 12.63 -2.01
C ASN D 15 -6.45 13.99 -1.34
N PHE D 16 -7.42 14.77 -1.80
CA PHE D 16 -7.71 16.07 -1.20
C PHE D 16 -8.18 15.92 0.24
N GLU D 17 -9.19 15.09 0.44
CA GLU D 17 -9.78 14.90 1.76
C GLU D 17 -8.78 14.29 2.73
N LYS D 18 -7.85 13.49 2.21
CA LYS D 18 -6.84 12.85 3.05
C LYS D 18 -5.73 13.82 3.44
N ASN D 19 -5.20 14.53 2.45
CA ASN D 19 -4.04 15.39 2.66
C ASN D 19 -4.38 16.75 3.24
N VAL D 20 -5.47 17.35 2.76
CA VAL D 20 -5.83 18.72 3.12
C VAL D 20 -6.89 18.77 4.22
N SER D 21 -8.02 18.12 3.97
CA SER D 21 -9.12 18.11 4.94
C SER D 21 -8.79 17.26 6.15
N GLN D 22 -7.85 16.33 5.98
CA GLN D 22 -7.50 15.35 7.00
C GLN D 22 -8.75 14.61 7.45
N ALA D 23 -9.50 14.11 6.48
CA ALA D 23 -10.72 13.33 6.74
C ALA D 23 -10.58 11.95 6.12
N ILE D 24 -10.03 11.01 6.90
CA ILE D 24 -9.64 9.70 6.40
C ILE D 24 -10.83 8.87 5.90
N HIS D 25 -12.02 9.14 6.43
CA HIS D 25 -13.20 8.35 6.04
C HIS D 25 -13.79 8.86 4.74
N LYS D 26 -13.58 10.13 4.44
CA LYS D 26 -13.96 10.67 3.13
C LYS D 26 -12.97 10.16 2.08
N TYR D 27 -11.71 10.05 2.47
CA TYR D 27 -10.69 9.48 1.61
C TYR D 27 -11.04 8.04 1.25
N ASN D 28 -11.45 7.27 2.25
CA ASN D 28 -11.84 5.89 2.03
C ASN D 28 -13.14 5.77 1.23
N ALA D 29 -14.06 6.70 1.47
CA ALA D 29 -15.33 6.72 0.76
C ALA D 29 -15.11 6.95 -0.73
N TYR D 30 -14.27 7.93 -1.06
CA TYR D 30 -13.97 8.25 -2.46
C TYR D 30 -13.19 7.13 -3.13
N ARG D 31 -12.30 6.48 -2.37
CA ARG D 31 -11.48 5.42 -2.92
C ARG D 31 -12.28 4.13 -3.14
N LYS D 32 -13.27 3.91 -2.29
CA LYS D 32 -14.15 2.75 -2.45
C LYS D 32 -14.99 2.92 -3.71
N ALA D 33 -15.54 4.11 -3.90
CA ALA D 33 -16.35 4.43 -5.05
C ALA D 33 -15.53 4.36 -6.34
N ALA D 34 -14.30 4.86 -6.28
CA ALA D 34 -13.39 4.80 -7.41
C ALA D 34 -13.11 3.35 -7.79
N SER D 35 -12.93 2.52 -6.77
CA SER D 35 -12.63 1.12 -6.97
C SER D 35 -13.80 0.35 -7.60
N VAL D 36 -15.01 0.62 -7.10
CA VAL D 36 -16.18 -0.11 -7.56
C VAL D 36 -16.56 0.29 -8.98
N ILE D 37 -16.18 1.51 -9.37
CA ILE D 37 -16.45 2.00 -10.72
C ILE D 37 -15.40 1.46 -11.69
N ALA D 38 -14.17 1.33 -11.20
CA ALA D 38 -13.06 0.84 -11.99
C ALA D 38 -13.30 -0.55 -12.57
N LYS D 39 -13.98 -1.41 -11.81
CA LYS D 39 -14.22 -2.78 -12.25
C LYS D 39 -15.61 -2.96 -12.88
N TYR D 40 -16.40 -1.89 -12.87
CA TYR D 40 -17.69 -1.87 -13.57
C TYR D 40 -17.44 -2.01 -15.07
N PRO D 41 -17.99 -3.06 -15.70
CA PRO D 41 -17.64 -3.42 -17.07
C PRO D 41 -18.46 -2.66 -18.13
N HIS D 42 -18.98 -1.49 -17.79
CA HIS D 42 -19.68 -0.65 -18.74
C HIS D 42 -19.15 0.77 -18.70
N LYS D 43 -19.28 1.47 -19.83
CA LYS D 43 -18.99 2.90 -19.86
C LYS D 43 -20.18 3.65 -19.27
N ILE D 44 -19.99 4.20 -18.08
CA ILE D 44 -21.07 4.86 -17.34
C ILE D 44 -21.65 6.06 -18.10
N LYS D 45 -22.97 6.11 -18.17
CA LYS D 45 -23.67 7.15 -18.92
C LYS D 45 -24.25 8.25 -18.04
N SER D 46 -24.47 7.93 -16.77
CA SER D 46 -25.06 8.89 -15.84
C SER D 46 -24.71 8.60 -14.40
N GLY D 47 -24.87 9.61 -13.53
CA GLY D 47 -24.62 9.44 -12.12
C GLY D 47 -25.63 8.50 -11.47
N ALA D 48 -26.81 8.40 -12.08
CA ALA D 48 -27.84 7.51 -11.60
C ALA D 48 -27.45 6.06 -11.84
N GLU D 49 -26.85 5.80 -12.99
CA GLU D 49 -26.35 4.46 -13.32
C GLU D 49 -25.28 4.04 -12.31
N ALA D 50 -24.37 4.96 -12.02
CA ALA D 50 -23.28 4.70 -11.09
C ALA D 50 -23.78 4.58 -9.65
N LYS D 51 -24.90 5.25 -9.35
CA LYS D 51 -25.43 5.29 -8.00
C LYS D 51 -25.88 3.90 -7.53
N LYS D 52 -26.14 3.01 -8.48
CA LYS D 52 -26.58 1.66 -8.15
C LYS D 52 -25.45 0.81 -7.57
N LEU D 53 -24.21 1.21 -7.83
CA LEU D 53 -23.05 0.51 -7.30
C LEU D 53 -22.88 0.82 -5.82
N PRO D 54 -22.46 -0.18 -5.04
CA PRO D 54 -22.26 0.03 -3.59
C PRO D 54 -21.03 0.89 -3.30
N GLY D 55 -21.26 2.06 -2.70
CA GLY D 55 -20.18 2.98 -2.42
C GLY D 55 -20.41 4.31 -3.12
N VAL D 56 -21.28 4.29 -4.13
CA VAL D 56 -21.65 5.51 -4.83
C VAL D 56 -23.00 6.02 -4.33
N GLY D 57 -22.97 7.09 -3.54
CA GLY D 57 -24.18 7.67 -3.02
C GLY D 57 -24.65 8.85 -3.86
N THR D 58 -25.39 9.76 -3.23
CA THR D 58 -25.98 10.90 -3.93
C THR D 58 -24.93 11.92 -4.39
N LYS D 59 -24.05 12.30 -3.47
CA LYS D 59 -23.07 13.35 -3.73
C LYS D 59 -22.14 13.01 -4.89
N ILE D 60 -21.65 11.77 -4.93
CA ILE D 60 -20.76 11.32 -5.98
C ILE D 60 -21.52 11.20 -7.30
N ALA D 61 -22.79 10.79 -7.22
CA ALA D 61 -23.63 10.69 -8.40
C ALA D 61 -23.79 12.03 -9.09
N GLU D 62 -23.91 13.09 -8.28
CA GLU D 62 -24.02 14.44 -8.81
C GLU D 62 -22.73 14.87 -9.51
N LYS D 63 -21.60 14.54 -8.90
CA LYS D 63 -20.30 14.93 -9.44
C LYS D 63 -19.98 14.18 -10.73
N ILE D 64 -20.51 12.95 -10.84
CA ILE D 64 -20.33 12.16 -12.05
C ILE D 64 -21.13 12.79 -13.20
N ASP D 65 -22.34 13.25 -12.91
CA ASP D 65 -23.16 13.91 -13.91
C ASP D 65 -22.52 15.22 -14.37
N GLU D 66 -21.91 15.95 -13.45
CA GLU D 66 -21.20 17.18 -13.81
C GLU D 66 -20.01 16.87 -14.70
N PHE D 67 -19.26 15.83 -14.34
CA PHE D 67 -18.09 15.45 -15.10
C PHE D 67 -18.45 14.95 -16.50
N LEU D 68 -19.50 14.13 -16.57
CA LEU D 68 -19.94 13.60 -17.86
C LEU D 68 -20.41 14.71 -18.79
N ALA D 69 -21.07 15.72 -18.23
CA ALA D 69 -21.60 16.81 -19.02
C ALA D 69 -20.52 17.76 -19.52
N THR D 70 -19.46 17.93 -18.74
CA THR D 70 -18.48 18.97 -19.03
C THR D 70 -17.03 18.48 -19.16
N GLY D 71 -16.73 17.32 -18.57
CA GLY D 71 -15.37 16.80 -18.61
C GLY D 71 -14.51 17.36 -17.50
N LYS D 72 -15.12 18.20 -16.65
CA LYS D 72 -14.42 18.78 -15.51
C LYS D 72 -15.28 18.76 -14.26
N LEU D 73 -14.65 19.01 -13.12
CA LEU D 73 -15.37 19.18 -11.86
C LEU D 73 -14.96 20.51 -11.25
N ARG D 74 -15.92 21.42 -11.08
CA ARG D 74 -15.63 22.75 -10.58
C ARG D 74 -15.03 22.71 -9.18
N LYS D 75 -15.47 21.75 -8.38
CA LYS D 75 -14.93 21.58 -7.03
C LYS D 75 -13.43 21.27 -7.08
N LEU D 76 -13.03 20.47 -8.07
CA LEU D 76 -11.62 20.14 -8.25
C LEU D 76 -10.83 21.31 -8.82
N GLU D 77 -11.44 22.03 -9.76
CA GLU D 77 -10.80 23.18 -10.39
C GLU D 77 -10.41 24.24 -9.36
N LYS D 78 -11.26 24.41 -8.35
CA LYS D 78 -11.01 25.36 -7.28
C LYS D 78 -9.88 24.88 -6.37
N ILE D 79 -9.92 23.59 -6.04
CA ILE D 79 -8.91 22.97 -5.18
C ILE D 79 -7.51 23.10 -5.81
N ARG D 80 -7.45 22.93 -7.13
CA ARG D 80 -6.18 23.05 -7.85
C ARG D 80 -5.66 24.48 -7.83
N GLN D 81 -6.56 25.44 -7.71
CA GLN D 81 -6.16 26.85 -7.71
C GLN D 81 -5.74 27.32 -6.32
N ASP D 82 -6.22 26.62 -5.29
CA ASP D 82 -5.88 26.98 -3.91
C ASP D 82 -4.41 26.68 -3.63
N ASP D 83 -3.69 27.67 -3.11
CA ASP D 83 -2.26 27.53 -2.88
C ASP D 83 -1.94 26.58 -1.74
N THR D 84 -2.60 26.79 -0.60
CA THR D 84 -2.39 25.95 0.57
C THR D 84 -2.69 24.49 0.25
N SER D 85 -3.78 24.25 -0.47
CA SER D 85 -4.14 22.91 -0.90
C SER D 85 -3.08 22.32 -1.84
N SER D 86 -2.63 23.14 -2.80
CA SER D 86 -1.62 22.72 -3.76
C SER D 86 -0.29 22.42 -3.06
N SER D 87 0.08 23.25 -2.11
CA SER D 87 1.33 23.08 -1.37
C SER D 87 1.31 21.83 -0.51
N ILE D 88 0.20 21.63 0.22
CA ILE D 88 0.06 20.47 1.09
C ILE D 88 0.04 19.18 0.29
N ASN D 89 -0.70 19.16 -0.81
CA ASN D 89 -0.78 17.99 -1.66
C ASN D 89 0.57 17.58 -2.25
N PHE D 90 1.42 18.56 -2.52
CA PHE D 90 2.76 18.27 -3.04
C PHE D 90 3.68 17.73 -1.95
N LEU D 91 3.70 18.41 -0.80
CA LEU D 91 4.57 18.02 0.30
C LEU D 91 4.31 16.60 0.77
N THR D 92 3.05 16.20 0.81
CA THR D 92 2.67 14.86 1.26
C THR D 92 3.13 13.76 0.32
N ARG D 93 3.63 14.14 -0.85
CA ARG D 93 4.13 13.16 -1.81
C ARG D 93 5.52 12.69 -1.44
N VAL D 94 6.16 13.42 -0.53
CA VAL D 94 7.43 12.97 0.05
C VAL D 94 7.16 11.94 1.14
N SER D 95 7.77 10.77 1.02
CA SER D 95 7.56 9.71 2.00
C SER D 95 8.08 10.14 3.37
N GLY D 96 7.19 10.15 4.36
CA GLY D 96 7.53 10.61 5.69
C GLY D 96 6.76 11.86 6.05
N ILE D 97 6.40 12.63 5.03
CA ILE D 97 5.59 13.83 5.24
C ILE D 97 4.11 13.52 5.06
N GLY D 98 3.36 13.54 6.14
CA GLY D 98 1.93 13.33 6.08
C GLY D 98 1.19 14.65 6.10
N PRO D 99 -0.15 14.60 6.21
CA PRO D 99 -1.00 15.79 6.21
C PRO D 99 -0.64 16.80 7.31
N SER D 100 -0.34 16.30 8.51
CA SER D 100 0.00 17.15 9.63
C SER D 100 1.31 17.90 9.40
N ALA D 101 2.36 17.15 9.08
CA ALA D 101 3.68 17.75 8.85
C ALA D 101 3.69 18.67 7.64
N ALA D 102 2.92 18.30 6.62
CA ALA D 102 2.84 19.12 5.41
C ALA D 102 2.25 20.49 5.71
N ARG D 103 1.24 20.51 6.58
CA ARG D 103 0.60 21.76 6.97
C ARG D 103 1.53 22.58 7.86
N LYS D 104 2.35 21.90 8.65
CA LYS D 104 3.29 22.57 9.53
C LYS D 104 4.44 23.20 8.74
N PHE D 105 4.91 22.51 7.71
CA PHE D 105 5.97 23.01 6.86
C PHE D 105 5.54 24.27 6.11
N VAL D 106 4.30 24.27 5.64
CA VAL D 106 3.74 25.43 4.94
C VAL D 106 3.72 26.66 5.85
N ASP D 107 3.30 26.46 7.09
CA ASP D 107 3.24 27.54 8.07
C ASP D 107 4.61 28.18 8.29
N GLU D 108 5.66 27.38 8.09
CA GLU D 108 7.03 27.86 8.27
C GLU D 108 7.66 28.31 6.96
N GLY D 109 6.85 28.33 5.89
CA GLY D 109 7.31 28.82 4.61
C GLY D 109 8.02 27.79 3.77
N ILE D 110 7.98 26.54 4.20
CA ILE D 110 8.59 25.44 3.44
C ILE D 110 7.52 24.73 2.62
N LYS D 111 7.48 25.02 1.32
CA LYS D 111 6.37 24.54 0.48
C LYS D 111 6.77 24.08 -0.92
N THR D 112 8.05 24.19 -1.26
CA THR D 112 8.52 23.74 -2.57
C THR D 112 9.64 22.70 -2.43
N LEU D 113 10.11 22.19 -3.57
CA LEU D 113 11.13 21.16 -3.56
C LEU D 113 12.47 21.73 -3.16
N GLU D 114 12.77 22.96 -3.57
CA GLU D 114 14.01 23.60 -3.16
C GLU D 114 13.94 24.07 -1.72
N ASP D 115 12.73 24.39 -1.27
CA ASP D 115 12.49 24.71 0.13
C ASP D 115 12.90 23.53 1.01
N LEU D 116 12.44 22.34 0.64
CA LEU D 116 12.79 21.12 1.35
C LEU D 116 14.29 20.86 1.29
N ARG D 117 14.89 21.13 0.14
CA ARG D 117 16.30 20.80 -0.09
C ARG D 117 17.24 21.73 0.66
N LYS D 118 16.78 22.93 1.00
CA LYS D 118 17.61 23.87 1.75
C LYS D 118 17.31 23.81 3.24
N ASN D 119 16.25 23.09 3.60
CA ASN D 119 15.86 22.92 5.00
C ASN D 119 15.89 21.46 5.43
N GLU D 120 16.94 20.77 5.00
CA GLU D 120 17.09 19.34 5.28
C GLU D 120 17.20 19.06 6.78
N ASP D 121 17.72 20.02 7.53
CA ASP D 121 17.94 19.85 8.97
C ASP D 121 16.64 19.89 9.77
N LYS D 122 15.54 20.18 9.10
CA LYS D 122 14.24 20.23 9.77
C LYS D 122 13.38 19.01 9.42
N LEU D 123 14.00 18.04 8.75
CA LEU D 123 13.34 16.79 8.41
C LEU D 123 13.82 15.67 9.33
N ASN D 124 12.93 14.76 9.70
CA ASN D 124 13.37 13.57 10.40
C ASN D 124 13.98 12.60 9.40
N HIS D 125 14.47 11.46 9.88
CA HIS D 125 15.23 10.55 9.02
C HIS D 125 14.43 10.04 7.82
N HIS D 126 13.22 9.52 8.08
CA HIS D 126 12.34 9.02 7.04
C HIS D 126 12.13 10.06 5.94
N GLN D 127 11.86 11.29 6.36
CA GLN D 127 11.58 12.39 5.43
C GLN D 127 12.80 12.78 4.60
N ARG D 128 13.98 12.72 5.20
CA ARG D 128 15.22 13.07 4.50
C ARG D 128 15.50 12.10 3.36
N ILE D 129 15.23 10.82 3.61
CA ILE D 129 15.44 9.80 2.59
C ILE D 129 14.34 9.87 1.53
N GLY D 130 13.14 10.20 1.96
CA GLY D 130 12.01 10.38 1.05
C GLY D 130 12.25 11.54 0.10
N LEU D 131 12.85 12.60 0.61
CA LEU D 131 13.23 13.74 -0.22
C LEU D 131 14.37 13.37 -1.16
N LYS D 132 15.34 12.65 -0.61
CA LYS D 132 16.51 12.19 -1.35
C LYS D 132 16.13 11.44 -2.62
N TYR D 133 15.16 10.54 -2.50
CA TYR D 133 14.73 9.72 -3.62
C TYR D 133 13.32 10.09 -4.10
N PHE D 134 12.98 11.36 -4.05
CA PHE D 134 11.64 11.82 -4.43
C PHE D 134 11.29 11.46 -5.86
N GLY D 135 12.22 11.73 -6.78
CA GLY D 135 12.01 11.42 -8.18
C GLY D 135 11.90 9.93 -8.45
N ASP D 136 12.80 9.16 -7.86
CA ASP D 136 12.84 7.72 -8.05
C ASP D 136 11.58 7.03 -7.55
N PHE D 137 11.11 7.46 -6.38
CA PHE D 137 9.98 6.80 -5.71
C PHE D 137 8.67 6.97 -6.45
N GLU D 138 8.61 7.91 -7.39
CA GLU D 138 7.39 8.12 -8.16
C GLU D 138 7.41 7.34 -9.47
N LYS D 139 8.55 6.73 -9.77
CA LYS D 139 8.65 5.85 -10.93
C LYS D 139 8.08 4.47 -10.63
N ARG D 140 7.46 3.86 -11.64
CA ARG D 140 6.96 2.50 -11.51
C ARG D 140 8.10 1.50 -11.66
N ILE D 141 7.84 0.24 -11.28
CA ILE D 141 8.81 -0.82 -11.49
C ILE D 141 8.26 -1.87 -12.45
N PRO D 142 8.86 -1.97 -13.64
CA PRO D 142 8.47 -3.02 -14.59
C PRO D 142 8.60 -4.40 -13.95
N ARG D 143 7.67 -5.29 -14.26
CA ARG D 143 7.68 -6.63 -13.66
C ARG D 143 8.99 -7.35 -13.92
N GLU D 144 9.60 -7.06 -15.06
CA GLU D 144 10.90 -7.61 -15.43
C GLU D 144 11.93 -7.30 -14.35
N GLU D 145 11.94 -6.06 -13.87
CA GLU D 145 12.84 -5.65 -12.80
C GLU D 145 12.43 -6.27 -11.48
N MET D 146 11.12 -6.39 -11.27
CA MET D 146 10.59 -7.04 -10.07
C MET D 146 11.07 -8.48 -9.97
N LEU D 147 11.21 -9.13 -11.12
CA LEU D 147 11.67 -10.51 -11.18
C LEU D 147 13.15 -10.62 -10.82
N GLN D 148 13.95 -9.66 -11.26
CA GLN D 148 15.36 -9.61 -10.89
C GLN D 148 15.52 -9.41 -9.39
N MET D 149 14.73 -8.49 -8.85
CA MET D 149 14.78 -8.16 -7.43
C MET D 149 14.37 -9.36 -6.59
N GLN D 150 13.34 -10.07 -7.04
CA GLN D 150 12.88 -11.29 -6.36
C GLN D 150 14.00 -12.32 -6.31
N ASP D 151 14.69 -12.45 -7.44
CA ASP D 151 15.81 -13.38 -7.57
C ASP D 151 16.91 -13.09 -6.55
N ILE D 152 17.27 -11.83 -6.43
CA ILE D 152 18.31 -11.42 -5.48
C ILE D 152 17.88 -11.65 -4.04
N VAL D 153 16.71 -11.12 -3.68
CA VAL D 153 16.21 -11.22 -2.31
C VAL D 153 16.09 -12.67 -1.84
N LEU D 154 15.47 -13.51 -2.67
CA LEU D 154 15.25 -14.91 -2.29
C LEU D 154 16.56 -15.67 -2.13
N ASN D 155 17.55 -15.35 -2.96
CA ASN D 155 18.83 -16.05 -2.91
C ASN D 155 19.72 -15.57 -1.76
N GLU D 156 19.76 -14.26 -1.53
CA GLU D 156 20.54 -13.70 -0.43
C GLU D 156 19.98 -14.18 0.91
N VAL D 157 18.66 -14.30 0.96
CA VAL D 157 17.97 -14.80 2.15
C VAL D 157 18.30 -16.27 2.38
N LYS D 158 18.35 -17.06 1.31
CA LYS D 158 18.73 -18.46 1.41
C LYS D 158 20.17 -18.63 1.92
N LYS D 159 21.05 -17.71 1.54
CA LYS D 159 22.45 -17.76 1.95
C LYS D 159 22.62 -17.59 3.47
N VAL D 160 21.75 -16.77 4.06
CA VAL D 160 21.77 -16.55 5.49
C VAL D 160 21.35 -17.80 6.24
N ASP D 161 20.17 -18.32 5.89
CA ASP D 161 19.65 -19.55 6.43
C ASP D 161 18.70 -20.18 5.42
N SER D 162 18.93 -21.46 5.11
CA SER D 162 18.15 -22.16 4.09
C SER D 162 16.70 -22.39 4.54
N GLU D 163 16.41 -22.15 5.81
CA GLU D 163 15.10 -22.41 6.36
C GLU D 163 14.20 -21.18 6.30
N TYR D 164 14.78 -20.03 5.94
CA TYR D 164 13.99 -18.85 5.62
C TYR D 164 13.12 -19.13 4.40
N ILE D 165 11.93 -18.53 4.35
CA ILE D 165 11.16 -18.49 3.12
C ILE D 165 10.73 -17.05 2.83
N ALA D 166 11.20 -16.52 1.71
CA ALA D 166 10.82 -15.17 1.31
C ALA D 166 9.79 -15.21 0.19
N THR D 167 8.67 -14.52 0.40
CA THR D 167 7.60 -14.49 -0.59
C THR D 167 7.27 -13.06 -0.98
N VAL D 168 7.37 -12.77 -2.27
CA VAL D 168 7.04 -11.44 -2.78
C VAL D 168 5.53 -11.30 -2.94
N CYS D 169 4.95 -10.37 -2.19
CA CYS D 169 3.51 -10.17 -2.23
C CYS D 169 3.17 -8.86 -2.92
N GLY D 170 2.16 -8.15 -2.40
CA GLY D 170 1.73 -6.90 -2.98
C GLY D 170 1.15 -7.07 -4.37
N SER D 171 1.29 -6.05 -5.20
CA SER D 171 0.77 -6.08 -6.56
C SER D 171 1.49 -7.12 -7.42
N PHE D 172 2.72 -7.44 -7.07
CA PHE D 172 3.49 -8.42 -7.82
C PHE D 172 2.84 -9.80 -7.77
N ARG D 173 2.47 -10.23 -6.56
CA ARG D 173 1.82 -11.53 -6.40
C ARG D 173 0.45 -11.54 -7.08
N ARG D 174 -0.14 -10.35 -7.21
CA ARG D 174 -1.41 -10.22 -7.91
C ARG D 174 -1.18 -10.20 -9.43
N GLY D 175 0.07 -10.31 -9.84
CA GLY D 175 0.42 -10.45 -11.24
C GLY D 175 0.48 -9.15 -12.02
N ALA D 176 0.71 -8.05 -11.32
CA ALA D 176 0.77 -6.74 -11.95
C ALA D 176 1.93 -6.65 -12.94
N GLU D 177 1.71 -5.97 -14.07
CA GLU D 177 2.73 -5.81 -15.09
C GLU D 177 3.77 -4.77 -14.65
N SER D 178 3.42 -4.01 -13.62
CA SER D 178 4.34 -3.07 -13.00
C SER D 178 3.90 -2.75 -11.58
N SER D 179 4.86 -2.52 -10.70
CA SER D 179 4.56 -2.27 -9.29
C SER D 179 5.09 -0.93 -8.80
N GLY D 180 4.52 -0.43 -7.71
CA GLY D 180 4.97 0.81 -7.10
C GLY D 180 6.22 0.56 -6.26
N ASP D 181 6.29 -0.62 -5.66
CA ASP D 181 7.44 -1.01 -4.85
C ASP D 181 7.56 -2.53 -4.74
N MET D 182 8.42 -3.01 -3.85
CA MET D 182 8.53 -4.44 -3.59
C MET D 182 8.07 -4.76 -2.16
N ASP D 183 7.24 -5.80 -2.03
CA ASP D 183 6.70 -6.21 -0.75
C ASP D 183 7.06 -7.66 -0.46
N VAL D 184 7.82 -7.89 0.61
CA VAL D 184 8.34 -9.21 0.91
C VAL D 184 7.86 -9.78 2.24
N LEU D 185 7.23 -10.94 2.18
CA LEU D 185 6.86 -11.68 3.37
C LEU D 185 8.01 -12.60 3.77
N LEU D 186 8.33 -12.65 5.06
CA LEU D 186 9.44 -13.47 5.54
C LEU D 186 8.99 -14.40 6.67
N THR D 187 9.38 -15.67 6.56
CA THR D 187 9.11 -16.64 7.62
C THR D 187 10.34 -17.46 7.95
N HIS D 188 10.41 -17.90 9.21
CA HIS D 188 11.48 -18.77 9.66
C HIS D 188 10.92 -19.65 10.77
N PRO D 189 11.20 -20.96 10.73
CA PRO D 189 10.63 -21.92 11.67
C PRO D 189 10.90 -21.59 13.15
N SER D 190 11.91 -20.77 13.42
CA SER D 190 12.24 -20.38 14.78
C SER D 190 11.22 -19.39 15.36
N PHE D 191 10.55 -18.65 14.48
CA PHE D 191 9.58 -17.65 14.91
C PHE D 191 8.15 -18.07 14.60
N THR D 192 7.43 -18.47 15.64
CA THR D 192 6.03 -18.84 15.50
C THR D 192 5.18 -18.06 16.50
N SER D 193 3.88 -18.31 16.48
CA SER D 193 2.96 -17.65 17.40
C SER D 193 3.18 -18.13 18.84
N GLU D 194 3.91 -19.23 18.97
CA GLU D 194 4.14 -19.83 20.28
C GLU D 194 5.43 -19.33 20.92
N SER D 195 6.46 -19.08 20.11
CA SER D 195 7.73 -18.60 20.65
C SER D 195 8.68 -18.04 19.59
N THR D 196 9.67 -17.30 20.06
CA THR D 196 10.76 -16.84 19.21
C THR D 196 12.07 -17.48 19.69
N LYS D 197 12.52 -18.51 18.98
CA LYS D 197 13.66 -19.29 19.43
C LYS D 197 15.00 -18.70 18.97
N GLN D 198 14.95 -17.62 18.21
CA GLN D 198 16.15 -16.98 17.71
C GLN D 198 15.98 -15.46 17.59
N PRO D 199 16.93 -14.70 18.13
CA PRO D 199 16.90 -13.24 18.02
C PRO D 199 17.37 -12.75 16.65
N LYS D 200 17.06 -11.49 16.33
CA LYS D 200 17.56 -10.81 15.14
C LYS D 200 17.29 -11.57 13.84
N LEU D 201 16.11 -12.16 13.73
CA LEU D 201 15.75 -12.91 12.52
C LEU D 201 15.58 -11.99 11.32
N LEU D 202 14.94 -10.85 11.51
CA LEU D 202 14.77 -9.87 10.44
C LEU D 202 16.07 -9.09 10.22
N HIS D 203 16.80 -8.86 11.31
CA HIS D 203 18.05 -8.10 11.26
C HIS D 203 19.08 -8.74 10.34
N GLN D 204 19.31 -10.02 10.53
CA GLN D 204 20.31 -10.76 9.75
C GLN D 204 20.01 -10.67 8.25
N VAL D 205 18.74 -10.76 7.89
CA VAL D 205 18.32 -10.67 6.50
C VAL D 205 18.60 -9.29 5.93
N VAL D 206 18.22 -8.25 6.68
CA VAL D 206 18.45 -6.87 6.27
C VAL D 206 19.94 -6.60 6.10
N GLU D 207 20.75 -7.08 7.04
CA GLU D 207 22.18 -6.85 7.00
C GLU D 207 22.84 -7.52 5.78
N GLN D 208 22.38 -8.72 5.46
CA GLN D 208 22.88 -9.44 4.29
C GLN D 208 22.56 -8.68 3.00
N LEU D 209 21.34 -8.15 2.92
CA LEU D 209 20.92 -7.41 1.74
C LEU D 209 21.66 -6.07 1.64
N GLN D 210 22.09 -5.54 2.78
CA GLN D 210 22.93 -4.35 2.79
C GLN D 210 24.35 -4.70 2.36
N LYS D 211 24.82 -5.84 2.85
CA LYS D 211 26.18 -6.30 2.58
C LYS D 211 26.48 -6.40 1.08
N VAL D 212 25.48 -6.81 0.31
CA VAL D 212 25.62 -6.93 -1.14
C VAL D 212 25.12 -5.68 -1.84
N HIS D 213 24.87 -4.63 -1.06
CA HIS D 213 24.44 -3.33 -1.55
C HIS D 213 23.12 -3.38 -2.30
N PHE D 214 22.23 -4.28 -1.91
CA PHE D 214 20.88 -4.25 -2.45
C PHE D 214 20.08 -3.22 -1.70
N ILE D 215 19.98 -3.39 -0.38
CA ILE D 215 19.39 -2.36 0.48
C ILE D 215 20.36 -1.20 0.64
N THR D 216 19.90 0.01 0.38
CA THR D 216 20.77 1.18 0.42
C THR D 216 20.40 2.15 1.54
N ASP D 217 19.15 2.14 1.96
CA ASP D 217 18.67 3.03 3.01
C ASP D 217 17.60 2.38 3.89
N THR D 218 17.43 2.92 5.09
CA THR D 218 16.44 2.41 6.03
C THR D 218 15.51 3.53 6.49
N LEU D 219 14.21 3.36 6.26
CA LEU D 219 13.22 4.33 6.72
C LEU D 219 12.79 4.03 8.15
N SER D 220 12.56 2.75 8.42
CA SER D 220 12.18 2.29 9.75
C SER D 220 12.51 0.81 9.89
N LYS D 221 12.73 0.35 11.12
CA LYS D 221 13.20 -1.00 11.34
C LYS D 221 12.93 -1.50 12.75
N GLY D 222 12.16 -2.58 12.86
CA GLY D 222 11.79 -3.14 14.15
C GLY D 222 11.96 -4.66 14.16
N GLU D 223 11.25 -5.33 15.07
CA GLU D 223 11.40 -6.78 15.22
C GLU D 223 10.87 -7.50 14.00
N THR D 224 9.77 -7.02 13.44
CA THR D 224 9.05 -7.79 12.44
C THR D 224 8.82 -7.06 11.12
N LYS D 225 9.06 -5.75 11.11
CA LYS D 225 8.84 -4.98 9.90
C LYS D 225 10.03 -4.08 9.55
N PHE D 226 10.49 -4.22 8.31
CA PHE D 226 11.50 -3.34 7.75
C PHE D 226 10.89 -2.49 6.64
N MET D 227 11.25 -1.22 6.63
CA MET D 227 10.79 -0.30 5.59
C MET D 227 12.01 0.48 5.10
N GLY D 228 12.38 0.28 3.85
CA GLY D 228 13.61 0.88 3.35
C GLY D 228 13.69 1.09 1.85
N VAL D 229 14.92 1.13 1.36
CA VAL D 229 15.19 1.44 -0.05
C VAL D 229 16.16 0.41 -0.64
N CYS D 230 15.91 0.03 -1.89
CA CYS D 230 16.80 -0.90 -2.58
C CYS D 230 17.07 -0.47 -4.02
N GLN D 231 18.06 -1.11 -4.64
CA GLN D 231 18.43 -0.80 -6.02
C GLN D 231 19.08 -1.99 -6.71
N LEU D 232 18.68 -2.25 -7.94
CA LEU D 232 19.29 -3.30 -8.74
C LEU D 232 20.69 -2.91 -9.18
N PRO D 233 21.59 -3.90 -9.32
CA PRO D 233 22.91 -3.61 -9.88
C PRO D 233 22.84 -3.32 -11.39
N SER D 234 23.58 -2.32 -11.84
CA SER D 234 23.70 -2.02 -13.26
C SER D 234 25.08 -2.44 -13.72
N LYS D 235 25.16 -2.91 -14.96
CA LYS D 235 26.43 -3.34 -15.55
C LYS D 235 27.24 -2.13 -16.00
N ASN D 236 28.39 -2.36 -16.60
CA ASN D 236 29.32 -1.29 -16.97
C ASN D 236 28.76 -0.26 -17.97
N ASP D 237 29.02 1.02 -17.68
CA ASP D 237 28.61 2.16 -18.49
C ASP D 237 27.10 2.35 -18.58
N GLU D 238 26.34 1.61 -17.77
CA GLU D 238 24.89 1.78 -17.73
C GLU D 238 24.47 2.90 -16.76
N LYS D 239 23.43 3.62 -17.14
CA LYS D 239 22.76 4.48 -16.19
C LYS D 239 22.18 3.59 -15.11
N GLU D 240 22.28 4.02 -13.86
CA GLU D 240 21.81 3.21 -12.75
C GLU D 240 20.31 3.04 -12.77
N TYR D 241 19.83 1.96 -12.15
CA TYR D 241 18.41 1.78 -11.92
C TYR D 241 17.96 2.80 -10.88
N PRO D 242 16.67 3.18 -10.92
CA PRO D 242 16.17 4.05 -9.86
C PRO D 242 16.17 3.33 -8.52
N HIS D 243 16.28 4.06 -7.42
CA HIS D 243 16.15 3.44 -6.11
C HIS D 243 14.69 3.11 -5.86
N ARG D 244 14.45 1.95 -5.25
CA ARG D 244 13.09 1.46 -5.05
C ARG D 244 12.74 1.26 -3.58
N ARG D 245 11.49 1.54 -3.23
CA ARG D 245 11.00 1.25 -1.89
C ARG D 245 10.84 -0.26 -1.70
N ILE D 246 11.26 -0.75 -0.54
CA ILE D 246 11.08 -2.17 -0.23
C ILE D 246 10.58 -2.36 1.20
N ASP D 247 9.53 -3.15 1.34
CA ASP D 247 8.98 -3.48 2.66
C ASP D 247 9.20 -4.96 2.94
N ILE D 248 9.77 -5.27 4.10
CA ILE D 248 9.96 -6.66 4.50
C ILE D 248 9.23 -6.93 5.80
N ARG D 249 8.37 -7.94 5.80
CA ARG D 249 7.53 -8.22 6.95
C ARG D 249 7.71 -9.64 7.47
N LEU D 250 8.28 -9.76 8.66
CA LEU D 250 8.44 -11.06 9.31
C LEU D 250 7.16 -11.47 10.02
N ILE D 251 6.63 -12.64 9.65
CA ILE D 251 5.38 -13.15 10.21
C ILE D 251 5.63 -14.51 10.84
N PRO D 252 5.01 -14.78 12.00
CA PRO D 252 5.07 -16.12 12.59
C PRO D 252 4.72 -17.20 11.58
N LYS D 253 5.56 -18.23 11.46
CA LYS D 253 5.45 -19.19 10.36
C LYS D 253 4.10 -19.89 10.31
N ASP D 254 3.51 -20.14 11.47
CA ASP D 254 2.23 -20.84 11.53
C ASP D 254 1.07 -19.92 11.14
N GLN D 255 1.36 -18.63 11.01
CA GLN D 255 0.35 -17.66 10.62
C GLN D 255 0.64 -17.09 9.23
N TYR D 256 1.20 -17.94 8.38
CA TYR D 256 1.61 -17.54 7.03
C TYR D 256 0.45 -17.11 6.15
N TYR D 257 -0.61 -17.91 6.14
CA TYR D 257 -1.72 -17.70 5.22
C TYR D 257 -2.49 -16.42 5.51
N CYS D 258 -2.62 -16.07 6.78
CA CYS D 258 -3.22 -14.78 7.14
C CYS D 258 -2.26 -13.66 6.76
N GLY D 259 -0.97 -13.92 6.90
CA GLY D 259 0.05 -12.96 6.54
C GLY D 259 0.12 -12.72 5.05
N VAL D 260 0.14 -13.78 4.27
CA VAL D 260 0.26 -13.66 2.81
C VAL D 260 -1.03 -13.10 2.20
N LEU D 261 -2.16 -13.32 2.86
CA LEU D 261 -3.43 -12.76 2.39
C LEU D 261 -3.42 -11.25 2.59
N TYR D 262 -2.96 -10.83 3.76
CA TYR D 262 -2.89 -9.41 4.10
C TYR D 262 -1.98 -8.63 3.14
N PHE D 263 -0.76 -9.14 2.95
CA PHE D 263 0.27 -8.42 2.21
C PHE D 263 0.10 -8.54 0.69
N THR D 264 -0.74 -9.47 0.25
CA THR D 264 -1.05 -9.62 -1.16
C THR D 264 -1.99 -8.51 -1.60
N GLY D 265 -2.93 -8.18 -0.73
CA GLY D 265 -3.83 -7.07 -0.97
C GLY D 265 -4.92 -7.34 -2.00
N SER D 266 -5.41 -6.29 -2.65
CA SER D 266 -4.93 -4.93 -2.47
C SER D 266 -5.43 -4.30 -1.16
N ASP D 267 -5.04 -3.05 -0.92
CA ASP D 267 -5.39 -2.37 0.32
C ASP D 267 -6.90 -2.18 0.44
N ILE D 268 -7.56 -1.90 -0.68
CA ILE D 268 -9.00 -1.73 -0.70
C ILE D 268 -9.69 -3.09 -0.60
N PHE D 269 -9.08 -4.12 -1.21
CA PHE D 269 -9.59 -5.47 -1.10
C PHE D 269 -9.57 -5.93 0.35
N ASN D 270 -8.47 -5.62 1.05
CA ASN D 270 -8.34 -5.97 2.46
C ASN D 270 -9.42 -5.29 3.30
N LYS D 271 -9.66 -4.02 3.03
CA LYS D 271 -10.66 -3.26 3.76
C LYS D 271 -12.06 -3.84 3.53
N ASN D 272 -12.35 -4.21 2.30
CA ASN D 272 -13.65 -4.80 1.97
C ASN D 272 -13.83 -6.18 2.59
N MET D 273 -12.78 -7.00 2.53
CA MET D 273 -12.84 -8.36 3.06
C MET D 273 -12.97 -8.37 4.58
N ARG D 274 -12.23 -7.49 5.25
CA ARG D 274 -12.29 -7.42 6.70
C ARG D 274 -13.60 -6.79 7.17
N ALA D 275 -14.12 -5.86 6.39
CA ALA D 275 -15.43 -5.27 6.69
C ALA D 275 -16.51 -6.33 6.56
N HIS D 276 -16.40 -7.15 5.51
CA HIS D 276 -17.32 -8.24 5.28
C HIS D 276 -17.18 -9.30 6.38
N ALA D 277 -15.96 -9.49 6.84
CA ALA D 277 -15.69 -10.42 7.93
C ALA D 277 -16.45 -10.00 9.19
N LEU D 278 -16.44 -8.70 9.46
CA LEU D 278 -17.15 -8.15 10.62
C LEU D 278 -18.64 -8.41 10.53
N GLU D 279 -19.21 -8.20 9.34
CA GLU D 279 -20.63 -8.43 9.11
C GLU D 279 -20.98 -9.91 9.25
N LYS D 280 -19.99 -10.77 9.05
CA LYS D 280 -20.18 -12.20 9.21
C LYS D 280 -19.83 -12.66 10.62
N GLY D 281 -19.38 -11.73 11.46
CA GLY D 281 -19.09 -12.02 12.84
C GLY D 281 -17.69 -12.55 13.08
N PHE D 282 -16.75 -12.17 12.23
CA PHE D 282 -15.35 -12.50 12.42
C PHE D 282 -14.50 -11.24 12.33
N THR D 283 -13.28 -11.29 12.85
CA THR D 283 -12.33 -10.21 12.65
C THR D 283 -11.01 -10.77 12.13
N ILE D 284 -10.43 -10.11 11.13
CA ILE D 284 -9.23 -10.60 10.48
C ILE D 284 -8.08 -9.60 10.52
N ASN D 285 -6.93 -10.04 10.98
CA ASN D 285 -5.69 -9.27 10.83
C ASN D 285 -4.66 -10.09 10.08
N GLU D 286 -3.41 -9.62 10.06
CA GLU D 286 -2.36 -10.31 9.32
C GLU D 286 -1.89 -11.58 10.05
N TYR D 287 -2.42 -11.79 11.26
CA TYR D 287 -2.02 -12.94 12.05
C TYR D 287 -3.07 -14.05 12.06
N THR D 288 -4.30 -13.68 12.39
CA THR D 288 -5.36 -14.67 12.58
C THR D 288 -6.71 -14.21 12.06
N ILE D 289 -7.67 -15.14 12.03
CA ILE D 289 -9.07 -14.80 11.94
C ILE D 289 -9.76 -15.32 13.20
N ARG D 290 -10.46 -14.43 13.90
CA ARG D 290 -11.09 -14.78 15.15
C ARG D 290 -12.58 -14.46 15.11
N PRO D 291 -13.39 -15.28 15.78
CA PRO D 291 -14.82 -14.99 15.87
C PRO D 291 -15.09 -13.86 16.85
N LEU D 292 -16.27 -13.27 16.76
CA LEU D 292 -16.71 -12.30 17.76
C LEU D 292 -17.79 -12.92 18.62
N GLY D 293 -17.58 -12.95 19.93
CA GLY D 293 -18.63 -13.29 20.85
C GLY D 293 -19.58 -12.11 20.82
N VAL D 294 -20.88 -12.38 20.96
CA VAL D 294 -21.91 -11.36 20.86
C VAL D 294 -21.60 -10.08 21.65
N THR D 295 -20.87 -10.26 22.75
CA THR D 295 -20.44 -9.14 23.58
C THR D 295 -19.48 -8.18 22.89
N GLY D 296 -18.93 -8.60 21.76
CA GLY D 296 -18.13 -7.70 20.92
C GLY D 296 -16.63 -7.80 21.07
N VAL D 297 -16.16 -8.84 21.76
CA VAL D 297 -14.73 -9.06 21.89
C VAL D 297 -14.33 -10.30 21.11
N ALA D 298 -13.16 -10.24 20.46
CA ALA D 298 -12.66 -11.35 19.67
C ALA D 298 -12.38 -12.56 20.55
N GLY D 299 -12.62 -13.75 19.99
CA GLY D 299 -12.35 -14.99 20.70
C GLY D 299 -11.00 -15.55 20.32
N GLU D 300 -10.90 -16.89 20.33
CA GLU D 300 -9.64 -17.56 20.01
C GLU D 300 -9.48 -17.76 18.51
N PRO D 301 -8.22 -17.75 18.03
CA PRO D 301 -7.91 -17.97 16.61
C PRO D 301 -8.45 -19.30 16.09
N LEU D 302 -9.10 -19.24 14.93
CA LEU D 302 -9.64 -20.43 14.27
C LEU D 302 -8.56 -21.10 13.41
N PRO D 303 -8.71 -22.41 13.13
CA PRO D 303 -7.69 -23.08 12.31
C PRO D 303 -7.67 -22.58 10.87
N VAL D 304 -6.48 -22.25 10.39
CA VAL D 304 -6.32 -21.80 9.00
C VAL D 304 -5.18 -22.58 8.34
N ASP D 305 -5.47 -23.20 7.20
CA ASP D 305 -4.50 -24.06 6.55
C ASP D 305 -4.27 -23.68 5.09
N SER D 306 -4.95 -22.63 4.65
CA SER D 306 -4.78 -22.08 3.32
C SER D 306 -5.39 -20.70 3.29
N GLU D 307 -5.20 -19.97 2.20
CA GLU D 307 -5.85 -18.68 2.03
C GLU D 307 -7.35 -18.87 1.92
N LYS D 308 -7.75 -19.96 1.25
CA LYS D 308 -9.16 -20.25 0.98
C LYS D 308 -9.95 -20.50 2.26
N ASP D 309 -9.29 -21.04 3.28
CA ASP D 309 -9.94 -21.29 4.57
C ASP D 309 -10.49 -19.98 5.14
N ILE D 310 -9.73 -18.91 4.99
CA ILE D 310 -10.16 -17.59 5.45
C ILE D 310 -11.37 -17.12 4.65
N PHE D 311 -11.37 -17.43 3.36
CA PHE D 311 -12.51 -17.12 2.50
C PHE D 311 -13.73 -17.95 2.89
N ASP D 312 -13.51 -19.22 3.23
CA ASP D 312 -14.58 -20.13 3.59
C ASP D 312 -15.34 -19.67 4.84
N TYR D 313 -14.60 -19.22 5.84
CA TYR D 313 -15.20 -18.77 7.10
C TYR D 313 -16.23 -17.67 6.89
N ILE D 314 -15.87 -16.67 6.10
CA ILE D 314 -16.74 -15.51 5.90
C ILE D 314 -17.68 -15.71 4.72
N GLN D 315 -17.69 -16.93 4.18
CA GLN D 315 -18.60 -17.33 3.10
C GLN D 315 -18.37 -16.53 1.82
N TRP D 316 -17.11 -16.40 1.43
CA TRP D 316 -16.72 -15.86 0.13
C TRP D 316 -16.16 -16.98 -0.74
N LYS D 317 -16.47 -16.99 -2.02
CA LYS D 317 -15.78 -17.89 -2.93
C LYS D 317 -14.32 -17.44 -2.99
N TYR D 318 -13.41 -18.39 -3.19
CA TYR D 318 -12.01 -18.03 -3.27
C TYR D 318 -11.75 -17.14 -4.47
N ARG D 319 -10.93 -16.12 -4.26
CA ARG D 319 -10.51 -15.23 -5.33
C ARG D 319 -9.00 -15.25 -5.46
N GLU D 320 -8.53 -15.63 -6.65
CA GLU D 320 -7.10 -15.64 -6.94
C GLU D 320 -6.50 -14.26 -6.71
N PRO D 321 -5.20 -14.20 -6.39
CA PRO D 321 -4.51 -12.92 -6.19
C PRO D 321 -4.74 -11.93 -7.32
N LYS D 322 -4.85 -12.42 -8.55
CA LYS D 322 -5.04 -11.55 -9.70
C LYS D 322 -6.45 -10.94 -9.75
N ASP D 323 -7.36 -11.46 -8.94
CA ASP D 323 -8.71 -10.91 -8.87
C ASP D 323 -8.94 -10.18 -7.56
N ARG D 324 -7.85 -9.77 -6.92
CA ARG D 324 -7.93 -9.01 -5.68
C ARG D 324 -7.43 -7.58 -5.88
N SER D 325 -7.18 -7.22 -7.14
CA SER D 325 -6.69 -5.89 -7.46
C SER D 325 -7.81 -4.86 -7.46
N GLU D 326 -8.36 -4.61 -6.28
CA GLU D 326 -9.46 -3.64 -6.14
C GLU D 326 -8.92 -2.27 -5.77
MG MG E . 3.63 -2.72 -3.20
MG MG F . 5.03 -1.44 0.03
NA NA G . 4.09 11.37 2.38
NA NA H . -25.05 3.05 -4.15
O2 1FZ I . -3.57 -3.72 4.21
O4 1FZ I . -3.51 0.80 3.80
C4 1FZ I . -3.01 -0.27 3.46
C5 1FZ I . -1.95 -0.34 2.58
C6 1FZ I . -1.47 -1.62 2.26
C5M 1FZ I . -1.40 0.83 1.96
N3 1FZ I . -3.57 -1.45 4.04
C2 1FZ I . -3.05 -2.73 3.70
N1 1FZ I . -2.02 -2.80 2.82
C1' 1FZ I . -1.49 -4.12 2.38
C2' 1FZ I . -2.21 -4.46 1.01
C3' 1FZ I . -1.09 -4.19 -0.01
O3' 1FZ I . -1.19 -4.96 -1.25
O4' 1FZ I . -0.08 -4.08 2.14
C4' 1FZ I . 0.17 -4.57 0.80
C5' 1FZ I . 1.41 -3.78 0.34
O5' 1FZ I . 1.11 -2.36 0.38
PA 1FZ I . 1.54 -1.43 -0.98
O1A 1FZ I . 2.90 -1.80 -1.48
O2A 1FZ I . 1.42 0.16 -0.57
N3A 1FZ I . 0.25 -1.76 -2.06
PB 1FZ I . 0.56 -2.77 -3.36
O1B 1FZ I . -0.80 -3.64 -3.44
O2B 1FZ I . 1.77 -3.65 -3.48
O3B 1FZ I . 0.53 -1.92 -4.73
PG 1FZ I . 1.74 -1.14 -5.41
O1G 1FZ I . 3.01 -1.26 -4.44
O3G 1FZ I . 2.18 -1.65 -6.73
O2G 1FZ I . 1.49 0.35 -5.40
#